data_6XCX
#
_entry.id   6XCX
#
_cell.length_a   80.670
_cell.length_b   94.980
_cell.length_c   61.790
_cell.angle_alpha   90.000
_cell.angle_beta   90.000
_cell.angle_gamma   90.000
#
_symmetry.space_group_name_H-M   'P 21 21 2'
#
loop_
_entity.id
_entity.type
_entity.pdbx_description
1 polymer 'Nitric oxide synthase oxygenase'
2 non-polymer 'HEME C'
3 non-polymer 'CHLORIDE ION'
4 non-polymer GLYCEROL
5 non-polymer N-PROPANOL
6 non-polymer DI(HYDROXYETHYL)ETHER
7 non-polymer 7-{[3-(2-{[(6-aminopyridin-2-yl)methyl]amino}ethoxy)phenoxy]methyl}quinolin-2-amine
8 water water
#
_entity_poly.entity_id   1
_entity_poly.type   'polypeptide(L)'
_entity_poly.pdbx_seq_one_letter_code
;MEEKEILWNEAKAFIAACYQELGKAAEVKDRLADIKSEIDLTGSYVHTKEELEHGAKMAWRNSNRCIGRLFWNSLNVIDR
RDVRTKEEVRDALFHHIETATNNGKIRPTITIFPPEEKGEKQVEIWNHQLIRYAGYESDGERIGDPASCSLTAACEELGW
RGERTDFDLLPLIFRMKGDEQPVWYELPRSLVIEVPITHPDIEAFSDLELKWYGVPIISDMKLEVGGIHYNAAPFNGWYM
GTEIGARNLADEKRYDKLKKVASVIGIAADYNTDLWKDQALVELNKAVLHSYKKQGVSIVDHHTAASQFKRFEEQAEEAG
RKLTGDWTWLIPPISPAATHIFHRSYDNSIVKPNYFYQDKPYE
;
_entity_poly.pdbx_strand_id   A
#
# COMPACT_ATOMS: atom_id res chain seq x y z
N GLU A 2 1.71 -22.93 -24.46
CA GLU A 2 0.52 -22.22 -23.97
C GLU A 2 0.91 -20.96 -23.22
N GLU A 3 2.10 -20.97 -22.61
CA GLU A 3 2.55 -19.80 -21.85
C GLU A 3 2.77 -18.61 -22.76
N LYS A 4 3.11 -18.86 -24.03
CA LYS A 4 3.23 -17.81 -25.03
C LYS A 4 1.87 -17.33 -25.52
N GLU A 5 0.86 -18.17 -25.40
CA GLU A 5 -0.53 -17.84 -25.70
C GLU A 5 -1.17 -16.89 -24.70
N ILE A 6 -1.09 -17.21 -23.40
CA ILE A 6 -1.76 -16.42 -22.36
C ILE A 6 -1.29 -14.96 -22.39
N LEU A 7 0.00 -14.73 -22.63
CA LEU A 7 0.51 -13.36 -22.66
C LEU A 7 -0.01 -12.60 -23.87
N TRP A 8 -0.11 -13.28 -25.02
CA TRP A 8 -0.63 -12.63 -26.22
C TRP A 8 -2.08 -12.20 -26.03
N ASN A 9 -2.86 -12.97 -25.26
CA ASN A 9 -4.26 -12.61 -25.01
C ASN A 9 -4.36 -11.41 -24.08
N GLU A 10 -3.56 -11.39 -23.02
CA GLU A 10 -3.59 -10.26 -22.10
C GLU A 10 -3.02 -9.00 -22.74
N ALA A 11 -2.06 -9.15 -23.66
CA ALA A 11 -1.49 -8.00 -24.35
C ALA A 11 -2.50 -7.38 -25.32
N LYS A 12 -3.25 -8.22 -26.04
CA LYS A 12 -4.24 -7.68 -26.97
C LYS A 12 -5.37 -6.98 -26.24
N ALA A 13 -5.68 -7.40 -25.01
CA ALA A 13 -6.73 -6.73 -24.25
C ALA A 13 -6.23 -5.43 -23.64
N PHE A 14 -5.00 -5.42 -23.12
CA PHE A 14 -4.50 -4.22 -22.45
C PHE A 14 -4.17 -3.12 -23.46
N ILE A 15 -3.42 -3.45 -24.51
CA ILE A 15 -2.99 -2.43 -25.47
C ILE A 15 -4.19 -1.74 -26.13
N ALA A 16 -5.21 -2.52 -26.50
CA ALA A 16 -6.40 -1.93 -27.10
C ALA A 16 -7.07 -0.96 -26.15
N ALA A 17 -7.29 -1.39 -24.90
CA ALA A 17 -7.93 -0.53 -23.91
C ALA A 17 -7.07 0.67 -23.56
N CYS A 18 -5.75 0.45 -23.42
CA CYS A 18 -4.86 1.52 -23.01
C CYS A 18 -4.74 2.59 -24.09
N TYR A 19 -4.51 2.18 -25.35
CA TYR A 19 -4.34 3.15 -26.42
C TYR A 19 -5.64 3.88 -26.72
N GLN A 20 -6.78 3.23 -26.52
CA GLN A 20 -8.06 3.92 -26.70
C GLN A 20 -8.23 5.03 -25.67
N GLU A 21 -7.87 4.76 -24.41
CA GLU A 21 -7.99 5.79 -23.38
C GLU A 21 -7.02 6.94 -23.59
N LEU A 22 -5.89 6.68 -24.27
CA LEU A 22 -4.88 7.69 -24.52
C LEU A 22 -5.06 8.40 -25.87
N GLY A 23 -6.16 8.15 -26.57
CA GLY A 23 -6.36 8.74 -27.87
C GLY A 23 -5.42 8.25 -28.95
N LYS A 24 -4.84 7.07 -28.78
CA LYS A 24 -3.89 6.48 -29.72
C LYS A 24 -4.44 5.20 -30.35
N ALA A 25 -5.76 5.16 -30.55
CA ALA A 25 -6.39 3.95 -31.08
C ALA A 25 -5.86 3.60 -32.47
N ALA A 26 -5.40 4.60 -33.23
CA ALA A 26 -4.90 4.32 -34.56
C ALA A 26 -3.59 3.53 -34.50
N GLU A 27 -2.73 3.84 -33.54
CA GLU A 27 -1.45 3.16 -33.35
C GLU A 27 -1.59 1.75 -32.78
N VAL A 28 -2.81 1.26 -32.60
CA VAL A 28 -3.02 -0.03 -31.93
C VAL A 28 -2.45 -1.17 -32.77
N LYS A 29 -3.00 -1.36 -33.97
CA LYS A 29 -2.71 -2.59 -34.71
C LYS A 29 -1.23 -2.76 -35.03
N ASP A 30 -0.51 -1.67 -35.29
CA ASP A 30 0.91 -1.79 -35.59
C ASP A 30 1.72 -2.11 -34.34
N ARG A 31 1.23 -1.72 -33.16
CA ARG A 31 1.97 -1.98 -31.93
C ARG A 31 1.91 -3.45 -31.55
N LEU A 32 0.73 -4.08 -31.70
CA LEU A 32 0.64 -5.51 -31.39
C LEU A 32 1.33 -6.36 -32.44
N ALA A 33 1.51 -5.85 -33.66
CA ALA A 33 2.30 -6.58 -34.64
C ALA A 33 3.72 -6.75 -34.15
N ASP A 34 4.33 -5.65 -33.68
CA ASP A 34 5.66 -5.74 -33.07
C ASP A 34 5.64 -6.57 -31.80
N ILE A 35 4.55 -6.49 -31.03
CA ILE A 35 4.41 -7.30 -29.82
C ILE A 35 4.34 -8.78 -30.17
N LYS A 36 3.47 -9.14 -31.13
CA LYS A 36 3.32 -10.54 -31.51
C LYS A 36 4.65 -11.11 -32.01
N SER A 37 5.44 -10.31 -32.73
CA SER A 37 6.77 -10.75 -33.12
C SER A 37 7.66 -10.94 -31.90
N GLU A 38 7.81 -9.89 -31.09
CA GLU A 38 8.71 -9.93 -29.94
C GLU A 38 8.40 -11.10 -29.02
N ILE A 39 7.11 -11.44 -28.86
CA ILE A 39 6.75 -12.60 -28.05
C ILE A 39 7.23 -13.88 -28.72
N ASP A 40 7.02 -14.00 -30.03
CA ASP A 40 7.45 -15.19 -30.76
C ASP A 40 8.95 -15.41 -30.63
N LEU A 41 9.73 -14.33 -30.62
CA LEU A 41 11.17 -14.39 -30.57
C LEU A 41 11.71 -14.55 -29.15
N THR A 42 11.33 -13.64 -28.25
CA THR A 42 11.90 -13.60 -26.90
C THR A 42 11.03 -14.27 -25.85
N GLY A 43 9.78 -14.59 -26.16
CA GLY A 43 8.87 -15.15 -25.19
C GLY A 43 8.18 -14.14 -24.30
N SER A 44 8.45 -12.85 -24.47
CA SER A 44 7.83 -11.80 -23.68
C SER A 44 7.92 -10.50 -24.47
N TYR A 45 7.53 -9.39 -23.84
CA TYR A 45 7.59 -8.09 -24.48
C TYR A 45 7.78 -7.02 -23.42
N VAL A 46 8.23 -5.84 -23.86
CA VAL A 46 8.59 -4.74 -22.99
C VAL A 46 7.63 -3.58 -23.25
N HIS A 47 6.97 -3.11 -22.19
CA HIS A 47 6.05 -1.99 -22.31
C HIS A 47 6.81 -0.70 -22.61
N THR A 48 6.15 0.19 -23.36
CA THR A 48 6.63 1.56 -23.44
C THR A 48 6.48 2.23 -22.08
N LYS A 49 7.20 3.34 -21.90
CA LYS A 49 7.03 4.11 -20.66
C LYS A 49 5.61 4.63 -20.54
N GLU A 50 4.97 4.93 -21.67
CA GLU A 50 3.60 5.41 -21.65
C GLU A 50 2.62 4.29 -21.29
N GLU A 51 2.85 3.08 -21.82
CA GLU A 51 2.00 1.95 -21.46
C GLU A 51 2.18 1.59 -19.98
N LEU A 52 3.43 1.57 -19.51
CA LEU A 52 3.70 1.21 -18.12
C LEU A 52 3.08 2.21 -17.16
N GLU A 53 3.22 3.51 -17.46
CA GLU A 53 2.64 4.53 -16.59
C GLU A 53 1.12 4.39 -16.53
N HIS A 54 0.47 4.38 -17.69
CA HIS A 54 -0.98 4.28 -17.71
C HIS A 54 -1.46 2.93 -17.17
N GLY A 55 -0.71 1.86 -17.45
CA GLY A 55 -1.10 0.55 -16.93
C GLY A 55 -1.12 0.51 -15.43
N ALA A 56 -0.15 1.17 -14.78
CA ALA A 56 -0.14 1.24 -13.33
C ALA A 56 -1.29 2.09 -12.81
N LYS A 57 -1.71 3.10 -13.58
CA LYS A 57 -2.84 3.92 -13.19
C LYS A 57 -4.16 3.16 -13.35
N MET A 58 -4.29 2.38 -14.43
CA MET A 58 -5.47 1.51 -14.56
C MET A 58 -5.53 0.50 -13.43
N ALA A 59 -4.38 -0.03 -13.01
CA ALA A 59 -4.38 -1.03 -11.95
C ALA A 59 -4.93 -0.44 -10.65
N TRP A 60 -4.55 0.79 -10.33
CA TRP A 60 -5.13 1.47 -9.17
C TRP A 60 -6.62 1.71 -9.37
N ARG A 61 -7.04 2.10 -10.58
CA ARG A 61 -8.44 2.36 -10.86
C ARG A 61 -9.30 1.10 -10.68
N ASN A 62 -8.71 -0.08 -10.84
CA ASN A 62 -9.44 -1.34 -10.78
C ASN A 62 -9.34 -2.03 -9.43
N SER A 63 -8.72 -1.40 -8.44
CA SER A 63 -8.54 -2.04 -7.13
C SER A 63 -9.85 -1.94 -6.35
N ASN A 64 -10.62 -3.02 -6.37
CA ASN A 64 -11.97 -3.01 -5.83
C ASN A 64 -12.00 -2.57 -4.37
N ARG A 65 -10.94 -2.83 -3.61
CA ARG A 65 -10.95 -2.56 -2.19
C ARG A 65 -10.50 -1.15 -1.83
N CYS A 66 -10.14 -0.33 -2.82
CA CYS A 66 -9.52 0.96 -2.54
C CYS A 66 -10.54 2.09 -2.62
N ILE A 67 -10.66 2.84 -1.51
CA ILE A 67 -11.54 4.00 -1.42
C ILE A 67 -10.92 5.28 -1.96
N GLY A 68 -9.62 5.29 -2.24
CA GLY A 68 -8.97 6.51 -2.68
C GLY A 68 -8.75 6.61 -4.17
N ARG A 69 -9.48 5.79 -4.93
CA ARG A 69 -9.26 5.67 -6.36
C ARG A 69 -9.61 6.93 -7.16
N LEU A 70 -10.17 7.97 -6.56
CA LEU A 70 -10.50 9.16 -7.33
C LEU A 70 -9.27 9.74 -8.00
N PHE A 71 -8.11 9.68 -7.35
CA PHE A 71 -6.89 10.31 -7.84
C PHE A 71 -6.02 9.35 -8.64
N TRP A 72 -6.62 8.28 -9.18
CA TRP A 72 -5.87 7.27 -9.92
C TRP A 72 -5.01 7.87 -11.03
N ASN A 73 -5.50 8.91 -11.70
CA ASN A 73 -4.82 9.46 -12.87
C ASN A 73 -3.61 10.34 -12.52
N SER A 74 -3.46 10.75 -11.26
CA SER A 74 -2.32 11.57 -10.86
C SER A 74 -1.21 10.74 -10.20
N LEU A 75 -1.25 9.41 -10.35
CA LEU A 75 -0.21 8.56 -9.79
C LEU A 75 1.15 8.88 -10.41
N ASN A 76 2.16 9.03 -9.56
CA ASN A 76 3.52 9.32 -10.02
C ASN A 76 4.26 8.00 -10.22
N VAL A 77 4.52 7.66 -11.47
CA VAL A 77 5.13 6.38 -11.83
C VAL A 77 6.62 6.57 -12.05
N ILE A 78 7.44 5.78 -11.37
CA ILE A 78 8.89 5.80 -11.53
C ILE A 78 9.30 4.48 -12.16
N ASP A 79 9.90 4.55 -13.35
CA ASP A 79 10.32 3.37 -14.10
C ASP A 79 11.74 3.01 -13.70
N ARG A 80 11.88 1.91 -12.95
CA ARG A 80 13.19 1.41 -12.53
C ARG A 80 13.43 0.01 -13.08
N ARG A 81 12.99 -0.25 -14.31
CA ARG A 81 13.25 -1.55 -14.95
C ARG A 81 14.71 -1.73 -15.34
N ASP A 82 15.53 -0.68 -15.27
CA ASP A 82 16.95 -0.69 -15.61
C ASP A 82 17.83 -1.18 -14.47
N VAL A 83 17.25 -1.42 -13.30
CA VAL A 83 18.03 -1.79 -12.12
C VAL A 83 18.60 -3.19 -12.30
N ARG A 84 19.86 -3.36 -11.92
CA ARG A 84 20.52 -4.67 -12.02
C ARG A 84 21.20 -5.11 -10.73
N THR A 85 21.57 -4.18 -9.83
CA THR A 85 22.36 -4.51 -8.65
C THR A 85 21.58 -4.22 -7.36
N LYS A 86 22.07 -4.80 -6.27
CA LYS A 86 21.48 -4.59 -4.95
C LYS A 86 21.53 -3.12 -4.55
N GLU A 87 22.64 -2.44 -4.88
CA GLU A 87 22.76 -1.03 -4.53
C GLU A 87 21.77 -0.18 -5.30
N GLU A 88 21.45 -0.57 -6.53
CA GLU A 88 20.46 0.16 -7.31
C GLU A 88 19.06 -0.05 -6.73
N VAL A 89 18.73 -1.28 -6.34
CA VAL A 89 17.44 -1.53 -5.69
C VAL A 89 17.31 -0.70 -4.43
N ARG A 90 18.35 -0.74 -3.58
CA ARG A 90 18.29 -0.04 -2.30
C ARG A 90 18.15 1.45 -2.50
N ASP A 91 18.93 2.03 -3.41
CA ASP A 91 18.84 3.46 -3.67
C ASP A 91 17.49 3.83 -4.27
N ALA A 92 16.93 2.98 -5.14
CA ALA A 92 15.63 3.27 -5.71
C ALA A 92 14.54 3.24 -4.63
N LEU A 93 14.68 2.35 -3.66
CA LEU A 93 13.74 2.29 -2.55
C LEU A 93 13.91 3.48 -1.61
N PHE A 94 15.16 3.86 -1.32
CA PHE A 94 15.43 5.08 -0.57
C PHE A 94 14.84 6.29 -1.28
N HIS A 95 14.97 6.34 -2.60
CA HIS A 95 14.44 7.47 -3.35
C HIS A 95 12.91 7.48 -3.29
N HIS A 96 12.28 6.32 -3.43
CA HIS A 96 10.82 6.24 -3.35
C HIS A 96 10.31 6.85 -2.05
N ILE A 97 10.88 6.43 -0.92
CA ILE A 97 10.51 6.96 0.38
C ILE A 97 10.61 8.48 0.39
N GLU A 98 11.73 9.00 -0.13
CA GLU A 98 11.98 10.44 -0.07
C GLU A 98 11.00 11.21 -0.97
N THR A 99 10.84 10.77 -2.22
CA THR A 99 9.98 11.52 -3.13
C THR A 99 8.50 11.36 -2.80
N ALA A 100 8.09 10.19 -2.28
CA ALA A 100 6.69 10.03 -1.89
C ALA A 100 6.38 10.80 -0.62
N THR A 101 7.33 10.85 0.33
CA THR A 101 7.14 11.62 1.55
C THR A 101 6.99 13.11 1.25
N ASN A 102 7.91 13.65 0.44
CA ASN A 102 7.82 15.02 -0.06
C ASN A 102 7.63 16.03 1.08
N ASN A 103 8.42 15.85 2.14
CA ASN A 103 8.40 16.71 3.32
C ASN A 103 7.04 16.73 4.03
N GLY A 104 6.18 15.74 3.75
CA GLY A 104 4.88 15.62 4.39
C GLY A 104 3.71 15.72 3.43
N LYS A 105 3.89 16.43 2.31
CA LYS A 105 2.84 16.54 1.30
C LYS A 105 2.96 15.34 0.37
N ILE A 106 2.42 14.21 0.85
CA ILE A 106 2.67 12.90 0.25
C ILE A 106 2.24 12.88 -1.21
N ARG A 107 3.12 12.35 -2.07
CA ARG A 107 2.82 12.14 -3.48
C ARG A 107 2.51 10.68 -3.71
N PRO A 108 1.30 10.31 -4.13
CA PRO A 108 1.05 8.93 -4.56
C PRO A 108 2.03 8.51 -5.63
N THR A 109 2.80 7.46 -5.34
CA THR A 109 3.96 7.09 -6.14
C THR A 109 4.06 5.58 -6.22
N ILE A 110 4.54 5.08 -7.36
CA ILE A 110 4.89 3.68 -7.51
C ILE A 110 6.26 3.59 -8.19
N THR A 111 7.16 2.79 -7.64
CA THR A 111 8.43 2.47 -8.29
C THR A 111 8.30 1.08 -8.90
N ILE A 112 8.57 0.97 -10.19
CA ILE A 112 8.36 -0.28 -10.93
C ILE A 112 9.72 -0.89 -11.25
N PHE A 113 9.98 -2.07 -10.70
CA PHE A 113 11.23 -2.80 -10.88
C PHE A 113 11.09 -3.78 -12.04
N PRO A 114 12.18 -4.42 -12.46
CA PRO A 114 12.10 -5.39 -13.56
C PRO A 114 11.09 -6.48 -13.26
N PRO A 115 10.29 -6.89 -14.24
CA PRO A 115 9.27 -7.92 -14.00
C PRO A 115 9.84 -9.33 -14.04
N GLU A 116 8.99 -10.29 -13.71
CA GLU A 116 9.37 -11.69 -13.79
C GLU A 116 9.66 -12.07 -15.24
N GLU A 117 10.67 -12.92 -15.42
CA GLU A 117 11.00 -13.44 -16.75
C GLU A 117 10.00 -14.53 -17.12
N LYS A 118 10.36 -15.78 -16.85
CA LYS A 118 9.41 -16.88 -17.01
C LYS A 118 9.04 -17.40 -15.63
N GLY A 119 8.39 -16.57 -14.83
CA GLY A 119 8.12 -16.88 -13.45
C GLY A 119 9.28 -16.63 -12.51
N GLU A 120 10.47 -16.34 -13.02
CA GLU A 120 11.64 -16.06 -12.20
C GLU A 120 11.70 -14.57 -11.89
N LYS A 121 11.68 -14.24 -10.61
CA LYS A 121 11.71 -12.85 -10.17
C LYS A 121 13.12 -12.28 -10.30
N GLN A 122 13.22 -11.05 -10.79
CA GLN A 122 14.50 -10.35 -10.81
C GLN A 122 14.85 -9.78 -9.44
N VAL A 123 13.86 -9.27 -8.73
CA VAL A 123 14.03 -8.75 -7.38
C VAL A 123 12.82 -9.15 -6.56
N GLU A 124 13.06 -9.61 -5.34
CA GLU A 124 12.02 -10.17 -4.48
C GLU A 124 12.03 -9.37 -3.19
N ILE A 125 11.04 -8.48 -3.04
CA ILE A 125 10.96 -7.64 -1.85
C ILE A 125 10.26 -8.44 -0.75
N TRP A 126 10.88 -8.45 0.43
CA TRP A 126 10.32 -9.17 1.58
C TRP A 126 9.49 -8.28 2.50
N ASN A 127 9.75 -6.97 2.54
CA ASN A 127 8.95 -6.08 3.35
C ASN A 127 7.49 -6.08 2.90
N HIS A 128 6.57 -6.11 3.87
CA HIS A 128 5.17 -5.85 3.55
C HIS A 128 4.95 -4.38 3.22
N GLN A 129 5.56 -3.49 4.00
CA GLN A 129 5.67 -2.07 3.68
C GLN A 129 7.12 -1.64 3.88
N LEU A 130 7.57 -0.70 3.03
CA LEU A 130 8.96 -0.25 3.13
C LEU A 130 9.27 0.30 4.52
N ILE A 131 8.33 1.02 5.11
CA ILE A 131 8.45 1.52 6.47
C ILE A 131 7.44 0.77 7.32
N ARG A 132 7.92 -0.03 8.27
CA ARG A 132 7.04 -0.73 9.21
C ARG A 132 7.81 -1.05 10.49
N TYR A 133 7.05 -1.26 11.57
CA TYR A 133 7.65 -1.51 12.87
C TYR A 133 7.80 -3.01 13.11
N ALA A 134 8.90 -3.39 13.76
CA ALA A 134 9.15 -4.79 14.08
C ALA A 134 8.25 -5.26 15.22
N GLY A 135 8.15 -6.58 15.35
CA GLY A 135 7.38 -7.17 16.43
C GLY A 135 8.03 -8.42 17.00
N TYR A 136 7.94 -8.60 18.31
CA TYR A 136 8.61 -9.68 19.01
C TYR A 136 7.63 -10.39 19.93
N GLU A 137 7.72 -11.71 19.97
CA GLU A 137 6.94 -12.54 20.88
C GLU A 137 7.78 -13.73 21.29
N SER A 138 8.20 -13.73 22.55
CA SER A 138 8.82 -14.90 23.17
C SER A 138 8.09 -15.16 24.48
N ASP A 139 8.86 -15.26 25.57
CA ASP A 139 8.44 -14.98 26.95
C ASP A 139 6.94 -15.00 27.20
N GLY A 140 6.23 -14.10 26.53
CA GLY A 140 4.90 -13.68 26.92
C GLY A 140 4.94 -12.18 26.83
N GLU A 141 6.15 -11.72 26.54
CA GLU A 141 6.41 -10.35 26.09
C GLU A 141 5.81 -10.16 24.70
N ARG A 142 4.86 -9.26 24.59
CA ARG A 142 4.49 -8.71 23.30
C ARG A 142 5.16 -7.35 23.17
N ILE A 143 6.07 -7.23 22.21
CA ILE A 143 6.77 -5.97 21.95
C ILE A 143 6.57 -5.61 20.48
N GLY A 144 6.28 -4.35 20.22
CA GLY A 144 6.15 -3.89 18.84
C GLY A 144 4.86 -4.35 18.18
N ASP A 145 4.94 -4.52 16.86
CA ASP A 145 3.78 -4.82 16.02
C ASP A 145 3.66 -6.31 15.80
N PRO A 146 2.68 -7.00 16.38
CA PRO A 146 2.59 -8.46 16.19
C PRO A 146 2.45 -8.87 14.74
N ALA A 147 1.87 -8.02 13.88
CA ALA A 147 1.77 -8.35 12.47
C ALA A 147 3.13 -8.49 11.80
N SER A 148 4.19 -7.93 12.39
CA SER A 148 5.53 -8.05 11.83
C SER A 148 6.37 -9.12 12.52
N CYS A 149 5.75 -10.06 13.23
CA CYS A 149 6.52 -11.01 14.04
C CYS A 149 7.33 -11.97 13.18
N SER A 150 6.71 -12.54 12.14
CA SER A 150 7.43 -13.50 11.30
C SER A 150 8.55 -12.82 10.52
N LEU A 151 8.29 -11.64 9.94
CA LEU A 151 9.34 -10.94 9.20
C LEU A 151 10.48 -10.52 10.11
N THR A 152 10.17 -10.10 11.34
CA THR A 152 11.21 -9.70 12.28
C THR A 152 12.11 -10.88 12.62
N ALA A 153 11.52 -12.04 12.89
CA ALA A 153 12.29 -13.25 13.16
C ALA A 153 13.14 -13.65 11.95
N ALA A 154 12.64 -13.41 10.74
CA ALA A 154 13.45 -13.72 9.56
C ALA A 154 14.63 -12.76 9.44
N CYS A 155 14.41 -11.47 9.70
CA CYS A 155 15.49 -10.50 9.62
C CYS A 155 16.59 -10.81 10.63
N GLU A 156 16.22 -11.31 11.81
CA GLU A 156 17.20 -11.55 12.86
C GLU A 156 18.02 -12.80 12.62
N GLU A 157 17.56 -13.71 11.75
CA GLU A 157 18.41 -14.80 11.29
C GLU A 157 19.48 -14.32 10.31
N LEU A 158 19.31 -13.13 9.72
CA LEU A 158 20.24 -12.63 8.72
C LEU A 158 21.25 -11.65 9.29
N GLY A 159 21.38 -11.57 10.62
CA GLY A 159 22.36 -10.72 11.25
C GLY A 159 21.80 -9.42 11.80
N TRP A 160 20.59 -9.04 11.41
CA TRP A 160 19.94 -7.86 11.96
C TRP A 160 19.51 -8.12 13.40
N ARG A 161 19.50 -7.06 14.20
CA ARG A 161 19.03 -7.15 15.59
C ARG A 161 18.27 -5.89 15.93
N GLY A 162 17.06 -6.04 16.47
CA GLY A 162 16.25 -4.91 16.86
C GLY A 162 16.54 -4.44 18.28
N GLU A 163 16.37 -3.14 18.51
CA GLU A 163 16.51 -2.62 19.86
C GLU A 163 15.36 -3.04 20.77
N ARG A 164 14.32 -3.68 20.23
CA ARG A 164 13.19 -4.19 20.99
C ARG A 164 12.43 -3.07 21.72
N THR A 165 12.38 -1.91 21.08
CA THR A 165 11.36 -0.92 21.43
C THR A 165 10.04 -1.32 20.78
N ASP A 166 8.96 -0.61 21.13
CA ASP A 166 7.69 -0.87 20.49
C ASP A 166 7.63 -0.33 19.06
N PHE A 167 8.64 0.41 18.61
CA PHE A 167 8.62 1.04 17.29
C PHE A 167 9.99 0.93 16.61
N ASP A 168 10.58 -0.26 16.64
CA ASP A 168 11.79 -0.52 15.84
C ASP A 168 11.44 -0.45 14.36
N LEU A 169 12.19 0.34 13.60
CA LEU A 169 12.03 0.35 12.16
C LEU A 169 12.66 -0.91 11.57
N LEU A 170 11.86 -1.73 10.88
CA LEU A 170 12.44 -2.86 10.19
C LEU A 170 13.35 -2.36 9.08
N PRO A 171 14.39 -3.11 8.74
CA PRO A 171 15.23 -2.73 7.61
C PRO A 171 14.57 -3.14 6.31
N LEU A 172 14.98 -2.47 5.24
CA LEU A 172 14.67 -2.97 3.91
C LEU A 172 15.28 -4.35 3.77
N ILE A 173 14.53 -5.29 3.19
CA ILE A 173 15.04 -6.63 2.99
C ILE A 173 14.50 -7.15 1.67
N PHE A 174 15.39 -7.59 0.79
CA PHE A 174 15.03 -8.06 -0.54
C PHE A 174 16.11 -8.97 -1.06
N ARG A 175 15.73 -9.88 -1.94
CA ARG A 175 16.64 -10.85 -2.56
C ARG A 175 16.70 -10.61 -4.06
N MET A 176 17.90 -10.74 -4.61
CA MET A 176 18.13 -10.62 -6.04
C MET A 176 18.17 -12.00 -6.69
N LYS A 177 17.92 -12.02 -8.00
CA LYS A 177 17.98 -13.26 -8.75
C LYS A 177 19.37 -13.86 -8.65
N GLY A 178 19.43 -15.15 -8.32
CA GLY A 178 20.70 -15.83 -8.21
C GLY A 178 21.14 -16.01 -6.78
N ASP A 179 20.99 -14.97 -5.97
CA ASP A 179 21.41 -15.06 -4.57
C ASP A 179 20.51 -16.03 -3.81
N GLU A 180 21.12 -16.75 -2.86
CA GLU A 180 20.38 -17.70 -2.04
C GLU A 180 19.60 -17.00 -0.92
N GLN A 181 20.16 -15.93 -0.37
CA GLN A 181 19.53 -15.25 0.76
C GLN A 181 19.44 -13.76 0.47
N PRO A 182 18.44 -13.07 1.02
CA PRO A 182 18.32 -11.63 0.79
C PRO A 182 19.37 -10.84 1.55
N VAL A 183 19.52 -9.59 1.14
CA VAL A 183 20.31 -8.63 1.87
C VAL A 183 19.35 -7.76 2.69
N TRP A 184 19.89 -7.00 3.63
CA TRP A 184 19.09 -6.06 4.40
C TRP A 184 19.88 -4.80 4.64
N TYR A 185 19.17 -3.67 4.67
CA TYR A 185 19.77 -2.35 4.86
C TYR A 185 18.93 -1.56 5.84
N GLU A 186 19.58 -0.99 6.86
CA GLU A 186 18.87 -0.16 7.82
C GLU A 186 18.35 1.10 7.14
N LEU A 187 17.16 1.53 7.54
CA LEU A 187 16.59 2.74 6.98
C LEU A 187 17.27 3.96 7.59
N PRO A 188 17.70 4.94 6.78
CA PRO A 188 18.18 6.20 7.35
C PRO A 188 17.04 6.96 8.00
N ARG A 189 17.21 7.27 9.30
CA ARG A 189 16.13 7.92 10.04
C ARG A 189 15.74 9.26 9.44
N SER A 190 16.64 9.91 8.70
CA SER A 190 16.32 11.18 8.07
C SER A 190 15.30 11.04 6.95
N LEU A 191 15.14 9.85 6.38
CA LEU A 191 14.15 9.63 5.34
C LEU A 191 12.76 9.34 5.89
N VAL A 192 12.65 8.92 7.14
CA VAL A 192 11.39 8.41 7.68
C VAL A 192 10.75 9.49 8.54
N ILE A 193 9.59 9.98 8.11
CA ILE A 193 8.81 10.88 8.94
C ILE A 193 7.95 10.05 9.88
N GLU A 194 7.93 10.42 11.15
CA GLU A 194 7.06 9.80 12.15
C GLU A 194 6.22 10.89 12.81
N VAL A 195 5.01 10.53 13.21
CA VAL A 195 4.06 11.47 13.79
C VAL A 195 3.75 11.03 15.21
N PRO A 196 4.08 11.82 16.23
CA PRO A 196 3.63 11.47 17.58
C PRO A 196 2.15 11.78 17.74
N ILE A 197 1.44 10.89 18.44
CA ILE A 197 -0.01 10.99 18.54
C ILE A 197 -0.36 11.78 19.79
N THR A 198 -0.96 12.95 19.59
CA THR A 198 -1.51 13.76 20.67
C THR A 198 -2.99 14.01 20.39
N HIS A 199 -3.71 14.44 21.44
CA HIS A 199 -5.13 14.77 21.34
C HIS A 199 -5.32 16.28 21.36
N PRO A 200 -6.27 16.82 20.59
CA PRO A 200 -6.43 18.28 20.55
C PRO A 200 -6.91 18.87 21.87
N ASP A 201 -7.67 18.11 22.67
CA ASP A 201 -8.25 18.60 23.90
C ASP A 201 -7.67 17.98 25.16
N ILE A 202 -7.21 16.73 25.10
CA ILE A 202 -6.84 15.96 26.29
C ILE A 202 -5.33 15.89 26.35
N GLU A 203 -4.73 16.62 27.28
CA GLU A 203 -3.28 16.69 27.36
C GLU A 203 -2.67 15.37 27.81
N ALA A 204 -3.40 14.60 28.62
CA ALA A 204 -2.88 13.32 29.10
C ALA A 204 -2.70 12.29 28.00
N PHE A 205 -3.24 12.53 26.80
CA PHE A 205 -3.10 11.57 25.72
C PHE A 205 -1.64 11.32 25.36
N SER A 206 -0.78 12.32 25.56
CA SER A 206 0.64 12.17 25.31
C SER A 206 1.27 11.09 26.18
N ASP A 207 0.68 10.80 27.35
CA ASP A 207 1.24 9.78 28.24
C ASP A 207 1.26 8.40 27.60
N LEU A 208 0.43 8.16 26.59
CA LEU A 208 0.44 6.87 25.92
C LEU A 208 1.69 6.67 25.07
N GLU A 209 2.39 7.76 24.71
CA GLU A 209 3.63 7.71 23.94
C GLU A 209 3.45 6.95 22.63
N LEU A 210 2.34 7.21 21.96
CA LEU A 210 2.04 6.56 20.69
C LEU A 210 2.64 7.35 19.53
N LYS A 211 2.90 6.64 18.43
CA LYS A 211 3.34 7.29 17.20
C LYS A 211 3.11 6.34 16.04
N TRP A 212 3.16 6.88 14.83
CA TRP A 212 3.06 6.07 13.62
C TRP A 212 3.90 6.74 12.53
N TYR A 213 4.19 5.98 11.49
CA TYR A 213 4.97 6.53 10.39
C TYR A 213 4.07 7.27 9.40
N GLY A 214 4.69 8.16 8.62
CA GLY A 214 3.92 9.06 7.79
C GLY A 214 3.32 8.41 6.57
N VAL A 215 4.04 7.48 5.96
CA VAL A 215 3.74 7.04 4.61
C VAL A 215 3.59 5.52 4.58
N PRO A 216 2.41 4.99 4.24
CA PRO A 216 2.27 3.54 4.05
C PRO A 216 2.63 3.19 2.61
N ILE A 217 3.68 2.39 2.44
CA ILE A 217 4.23 2.06 1.13
C ILE A 217 4.15 0.54 0.97
N ILE A 218 3.02 0.05 0.48
CA ILE A 218 2.81 -1.38 0.26
C ILE A 218 3.84 -1.89 -0.74
N SER A 219 4.56 -2.95 -0.38
CA SER A 219 5.71 -3.36 -1.16
C SER A 219 5.74 -4.87 -1.43
N ASP A 220 4.61 -5.57 -1.25
CA ASP A 220 4.59 -7.02 -1.44
C ASP A 220 3.48 -7.46 -2.40
N MET A 221 2.91 -6.56 -3.17
CA MET A 221 1.86 -6.92 -4.11
C MET A 221 2.40 -6.97 -5.53
N LYS A 222 1.77 -7.78 -6.37
CA LYS A 222 2.16 -7.94 -7.76
C LYS A 222 1.33 -7.03 -8.65
N LEU A 223 1.98 -6.18 -9.43
CA LEU A 223 1.32 -5.38 -10.44
C LEU A 223 1.30 -6.18 -11.74
N GLU A 224 0.10 -6.41 -12.28
CA GLU A 224 -0.07 -7.16 -13.52
C GLU A 224 -0.63 -6.22 -14.57
N VAL A 225 0.16 -5.99 -15.62
CA VAL A 225 -0.21 -5.10 -16.72
C VAL A 225 -0.03 -5.88 -18.02
N GLY A 226 -1.13 -6.20 -18.68
CA GLY A 226 -1.08 -6.86 -19.97
C GLY A 226 -0.27 -8.15 -19.99
N GLY A 227 -0.45 -9.00 -18.99
CA GLY A 227 0.27 -10.25 -18.92
C GLY A 227 1.67 -10.18 -18.34
N ILE A 228 2.24 -8.99 -18.18
CA ILE A 228 3.56 -8.83 -17.59
C ILE A 228 3.40 -8.73 -16.07
N HIS A 229 4.16 -9.55 -15.34
CA HIS A 229 4.01 -9.70 -13.90
C HIS A 229 5.11 -8.92 -13.18
N TYR A 230 4.77 -7.73 -12.69
CA TYR A 230 5.70 -6.90 -11.92
C TYR A 230 5.51 -7.24 -10.43
N ASN A 231 6.21 -8.28 -9.98
CA ASN A 231 6.09 -8.72 -8.59
C ASN A 231 6.67 -7.71 -7.61
N ALA A 232 7.59 -6.86 -8.06
CA ALA A 232 8.23 -5.87 -7.20
C ALA A 232 7.88 -4.51 -7.75
N ALA A 233 6.90 -3.85 -7.15
CA ALA A 233 6.49 -2.53 -7.60
C ALA A 233 5.85 -1.78 -6.44
N PRO A 234 6.64 -1.35 -5.45
CA PRO A 234 6.04 -0.74 -4.26
C PRO A 234 5.32 0.55 -4.58
N PHE A 235 4.16 0.74 -3.96
CA PHE A 235 3.32 1.91 -4.19
C PHE A 235 2.87 2.50 -2.86
N ASN A 236 2.46 3.77 -2.90
CA ASN A 236 1.96 4.43 -1.71
C ASN A 236 0.87 5.43 -2.07
N GLY A 237 -0.07 5.58 -1.15
CA GLY A 237 -0.94 6.74 -1.11
C GLY A 237 -0.64 7.51 0.17
N TRP A 238 -1.64 8.18 0.72
CA TRP A 238 -1.58 8.63 2.11
C TRP A 238 -2.56 7.80 2.93
N TYR A 239 -2.42 7.87 4.25
CA TYR A 239 -3.28 7.11 5.13
C TYR A 239 -4.69 7.68 5.17
N MET A 240 -5.68 6.79 5.29
CA MET A 240 -6.96 7.17 5.85
C MET A 240 -6.85 6.98 7.36
N GLY A 241 -7.38 7.93 8.12
CA GLY A 241 -7.14 7.97 9.56
C GLY A 241 -7.51 6.66 10.26
N THR A 242 -8.63 6.07 9.86
CA THR A 242 -9.10 4.84 10.51
C THR A 242 -8.12 3.68 10.36
N GLU A 243 -7.25 3.69 9.36
CA GLU A 243 -6.29 2.60 9.24
C GLU A 243 -5.34 2.57 10.43
N ILE A 244 -4.96 3.75 10.91
CA ILE A 244 -4.09 3.86 12.08
C ILE A 244 -4.90 3.78 13.37
N GLY A 245 -5.98 4.57 13.46
CA GLY A 245 -6.68 4.70 14.73
C GLY A 245 -7.63 3.56 15.03
N ALA A 246 -8.18 2.93 14.00
CA ALA A 246 -9.17 1.88 14.20
C ALA A 246 -8.60 0.48 14.05
N ARG A 247 -7.42 0.34 13.46
CA ARG A 247 -6.88 -1.01 13.23
C ARG A 247 -5.47 -1.13 13.78
N ASN A 248 -4.53 -0.33 13.24
CA ASN A 248 -3.12 -0.49 13.62
C ASN A 248 -2.92 -0.32 15.12
N LEU A 249 -3.52 0.69 15.72
CA LEU A 249 -3.33 0.93 17.14
C LEU A 249 -4.45 0.33 18.00
N ALA A 250 -5.52 -0.15 17.39
CA ALA A 250 -6.72 -0.58 18.12
C ALA A 250 -6.91 -2.08 18.21
N ASP A 251 -6.61 -2.82 17.14
CA ASP A 251 -6.88 -4.25 17.11
C ASP A 251 -6.17 -4.97 18.25
N GLU A 252 -6.83 -6.01 18.79
CA GLU A 252 -6.23 -6.80 19.86
C GLU A 252 -4.98 -7.53 19.38
N LYS A 253 -4.95 -7.93 18.11
CA LYS A 253 -3.79 -8.58 17.50
C LYS A 253 -2.79 -7.58 16.90
N ARG A 254 -2.94 -6.29 17.21
CA ARG A 254 -1.98 -5.27 16.80
C ARG A 254 -1.48 -4.61 18.07
N TYR A 255 -1.61 -3.28 18.20
CA TYR A 255 -1.08 -2.61 19.38
C TYR A 255 -2.06 -2.57 20.56
N ASP A 256 -3.35 -2.80 20.33
CA ASP A 256 -4.31 -3.11 21.40
C ASP A 256 -4.37 -2.02 22.48
N LYS A 257 -4.52 -0.77 22.04
CA LYS A 257 -4.38 0.37 22.94
C LYS A 257 -5.71 0.89 23.50
N LEU A 258 -6.83 0.24 23.21
CA LEU A 258 -8.14 0.86 23.51
C LEU A 258 -8.35 1.07 25.01
N LYS A 259 -7.99 0.10 25.85
CA LYS A 259 -8.23 0.31 27.28
C LYS A 259 -7.26 1.32 27.86
N LYS A 260 -6.05 1.41 27.31
CA LYS A 260 -5.17 2.51 27.69
C LYS A 260 -5.73 3.86 27.25
N VAL A 261 -6.36 3.91 26.07
CA VAL A 261 -6.99 5.15 25.62
C VAL A 261 -8.12 5.53 26.56
N ALA A 262 -8.99 4.58 26.90
CA ALA A 262 -10.10 4.86 27.79
C ALA A 262 -9.62 5.40 29.13
N SER A 263 -8.50 4.87 29.62
CA SER A 263 -7.95 5.34 30.89
C SER A 263 -7.52 6.80 30.80
N VAL A 264 -6.78 7.18 29.75
CA VAL A 264 -6.27 8.56 29.68
C VAL A 264 -7.35 9.56 29.28
N ILE A 265 -8.45 9.13 28.66
CA ILE A 265 -9.55 10.04 28.41
C ILE A 265 -10.56 10.08 29.56
N GLY A 266 -10.32 9.30 30.62
CA GLY A 266 -11.09 9.47 31.84
C GLY A 266 -12.42 8.75 31.89
N ILE A 267 -12.60 7.69 31.11
CA ILE A 267 -13.81 6.88 31.17
C ILE A 267 -13.44 5.46 31.59
N ALA A 268 -14.41 4.77 32.18
CA ALA A 268 -14.21 3.41 32.65
C ALA A 268 -14.31 2.41 31.50
N ALA A 269 -13.58 1.30 31.62
CA ALA A 269 -13.60 0.23 30.63
C ALA A 269 -14.13 -1.07 31.21
N ASP A 270 -15.29 -1.01 31.88
CA ASP A 270 -15.85 -2.14 32.60
C ASP A 270 -17.11 -2.72 31.97
N TYR A 271 -18.01 -1.88 31.45
CA TYR A 271 -19.32 -2.33 31.01
C TYR A 271 -19.45 -2.14 29.51
N ASN A 272 -19.94 -3.18 28.82
CA ASN A 272 -20.17 -3.06 27.38
C ASN A 272 -21.18 -1.95 27.08
N THR A 273 -22.21 -1.82 27.92
CA THR A 273 -23.27 -0.84 27.67
C THR A 273 -22.79 0.60 27.80
N ASP A 274 -21.60 0.83 28.37
CA ASP A 274 -21.04 2.17 28.37
C ASP A 274 -20.44 2.54 27.01
N LEU A 275 -20.27 1.57 26.12
CA LEU A 275 -19.70 1.81 24.78
C LEU A 275 -18.32 2.45 24.90
N TRP A 276 -17.54 2.03 25.91
CA TRP A 276 -16.24 2.64 26.12
C TRP A 276 -15.30 2.35 24.96
N LYS A 277 -15.40 1.18 24.34
CA LYS A 277 -14.57 0.91 23.16
C LYS A 277 -14.91 1.86 22.03
N ASP A 278 -16.20 2.06 21.74
CA ASP A 278 -16.60 2.97 20.68
C ASP A 278 -16.13 4.39 20.98
N GLN A 279 -16.31 4.84 22.22
CA GLN A 279 -15.86 6.18 22.60
C GLN A 279 -14.35 6.31 22.50
N ALA A 280 -13.61 5.30 22.97
CA ALA A 280 -12.16 5.34 22.86
C ALA A 280 -11.71 5.32 21.41
N LEU A 281 -12.39 4.55 20.56
CA LEU A 281 -12.04 4.51 19.15
C LEU A 281 -12.18 5.89 18.50
N VAL A 282 -13.23 6.64 18.87
CA VAL A 282 -13.45 7.94 18.27
C VAL A 282 -12.36 8.93 18.69
N GLU A 283 -12.04 8.97 19.99
CA GLU A 283 -11.03 9.90 20.47
C GLU A 283 -9.64 9.56 19.97
N LEU A 284 -9.35 8.26 19.82
CA LEU A 284 -8.06 7.86 19.26
C LEU A 284 -7.98 8.26 17.78
N ASN A 285 -9.08 8.10 17.05
CA ASN A 285 -9.08 8.47 15.64
C ASN A 285 -9.05 9.99 15.45
N LYS A 286 -9.72 10.73 16.33
CA LYS A 286 -9.59 12.18 16.32
C LYS A 286 -8.15 12.60 16.57
N ALA A 287 -7.47 11.90 17.49
CA ALA A 287 -6.09 12.22 17.81
C ALA A 287 -5.18 11.96 16.62
N VAL A 288 -5.41 10.86 15.90
CA VAL A 288 -4.58 10.54 14.73
C VAL A 288 -4.70 11.65 13.68
N LEU A 289 -5.93 12.06 13.35
CA LEU A 289 -6.11 13.09 12.33
C LEU A 289 -5.50 14.40 12.76
N HIS A 290 -5.77 14.81 14.00
CA HIS A 290 -5.20 16.04 14.53
C HIS A 290 -3.67 16.01 14.49
N SER A 291 -3.07 14.88 14.84
CA SER A 291 -1.61 14.82 14.95
C SER A 291 -0.95 14.88 13.57
N TYR A 292 -1.52 14.19 12.58
CA TYR A 292 -0.97 14.27 11.24
C TYR A 292 -1.13 15.68 10.66
N LYS A 293 -2.29 16.32 10.90
CA LYS A 293 -2.52 17.66 10.38
C LYS A 293 -1.61 18.68 11.05
N LYS A 294 -1.39 18.56 12.35
CA LYS A 294 -0.52 19.50 13.06
C LYS A 294 0.91 19.41 12.55
N GLN A 295 1.40 18.21 12.28
CA GLN A 295 2.76 18.05 11.79
C GLN A 295 2.93 18.43 10.31
N GLY A 296 1.85 18.48 9.56
CA GLY A 296 1.96 18.72 8.14
C GLY A 296 2.18 17.48 7.31
N VAL A 297 1.64 16.34 7.72
CA VAL A 297 1.72 15.11 6.96
C VAL A 297 0.34 14.79 6.41
N SER A 298 0.27 14.50 5.12
CA SER A 298 -1.00 14.24 4.45
C SER A 298 -1.75 13.09 5.13
N ILE A 299 -3.07 13.26 5.22
CA ILE A 299 -3.97 12.23 5.72
C ILE A 299 -5.38 12.64 5.36
N VAL A 300 -6.29 11.67 5.30
CA VAL A 300 -7.69 11.95 5.01
C VAL A 300 -8.57 11.20 6.01
N ASP A 301 -9.66 11.85 6.43
CA ASP A 301 -10.62 11.18 7.29
C ASP A 301 -11.57 10.35 6.44
N HIS A 302 -12.23 9.37 7.07
CA HIS A 302 -13.05 8.44 6.30
C HIS A 302 -14.28 9.12 5.69
N HIS A 303 -14.75 10.23 6.26
CA HIS A 303 -15.88 10.94 5.65
C HIS A 303 -15.47 11.63 4.36
N THR A 304 -14.40 12.43 4.41
CA THR A 304 -13.87 13.06 3.21
C THR A 304 -13.52 12.02 2.15
N ALA A 305 -12.85 10.94 2.56
CA ALA A 305 -12.51 9.88 1.63
C ALA A 305 -13.74 9.26 0.98
N ALA A 306 -14.81 9.05 1.76
CA ALA A 306 -16.05 8.53 1.19
C ALA A 306 -16.64 9.51 0.19
N SER A 307 -16.61 10.82 0.51
CA SER A 307 -17.08 11.83 -0.45
C SER A 307 -16.27 11.78 -1.73
N GLN A 308 -14.94 11.65 -1.61
CA GLN A 308 -14.10 11.56 -2.80
C GLN A 308 -14.43 10.33 -3.62
N PHE A 309 -14.74 9.22 -2.94
CA PHE A 309 -15.05 7.99 -3.67
C PHE A 309 -16.39 8.09 -4.39
N LYS A 310 -17.35 8.86 -3.86
CA LYS A 310 -18.59 9.09 -4.58
C LYS A 310 -18.33 9.85 -5.89
N ARG A 311 -17.43 10.83 -5.84
CA ARG A 311 -17.01 11.50 -7.07
C ARG A 311 -16.34 10.53 -8.04
N PHE A 312 -15.61 9.54 -7.51
CA PHE A 312 -15.04 8.52 -8.38
C PHE A 312 -16.13 7.66 -9.01
N GLU A 313 -17.17 7.33 -8.22
CA GLU A 313 -18.32 6.63 -8.77
C GLU A 313 -18.99 7.46 -9.87
N GLU A 314 -19.14 8.76 -9.66
CA GLU A 314 -19.78 9.61 -10.67
C GLU A 314 -18.89 9.76 -11.89
N GLN A 315 -17.60 10.04 -11.68
CA GLN A 315 -16.65 10.13 -12.80
C GLN A 315 -16.65 8.84 -13.62
N ALA A 316 -16.78 7.68 -12.96
CA ALA A 316 -16.79 6.41 -13.69
C ALA A 316 -18.00 6.32 -14.62
N GLU A 317 -19.20 6.62 -14.10
CA GLU A 317 -20.39 6.58 -14.95
C GLU A 317 -20.36 7.67 -16.02
N GLU A 318 -19.82 8.84 -15.69
CA GLU A 318 -19.69 9.91 -16.69
C GLU A 318 -18.80 9.48 -17.85
N ALA A 319 -17.77 8.69 -17.59
CA ALA A 319 -16.86 8.22 -18.61
C ALA A 319 -17.29 6.90 -19.24
N GLY A 320 -18.46 6.38 -18.88
CA GLY A 320 -18.90 5.11 -19.41
C GLY A 320 -18.13 3.91 -18.90
N ARG A 321 -17.34 4.05 -17.83
CA ARG A 321 -16.62 2.92 -17.28
C ARG A 321 -17.48 2.17 -16.28
N LYS A 322 -17.44 0.84 -16.36
CA LYS A 322 -18.10 0.01 -15.36
C LYS A 322 -17.31 0.06 -14.05
N LEU A 323 -18.02 0.34 -12.96
CA LEU A 323 -17.40 0.50 -11.65
C LEU A 323 -17.40 -0.84 -10.91
N THR A 324 -16.25 -1.19 -10.32
CA THR A 324 -16.15 -2.38 -9.50
C THR A 324 -15.62 -2.02 -8.11
N GLY A 325 -16.02 -2.80 -7.12
CA GLY A 325 -15.67 -2.47 -5.75
C GLY A 325 -16.00 -3.61 -4.81
N ASP A 326 -15.29 -3.62 -3.68
CA ASP A 326 -15.46 -4.61 -2.61
C ASP A 326 -16.08 -3.90 -1.42
N TRP A 327 -17.41 -4.02 -1.30
CA TRP A 327 -18.16 -3.37 -0.22
C TRP A 327 -17.56 -3.64 1.15
N THR A 328 -17.11 -4.88 1.39
CA THR A 328 -16.64 -5.23 2.74
C THR A 328 -15.36 -4.49 3.10
N TRP A 329 -14.59 -4.05 2.11
CA TRP A 329 -13.38 -3.29 2.38
C TRP A 329 -13.58 -1.78 2.18
N LEU A 330 -14.53 -1.39 1.33
CA LEU A 330 -14.77 0.03 1.09
C LEU A 330 -15.41 0.72 2.29
N ILE A 331 -16.30 0.04 3.00
CA ILE A 331 -16.89 0.67 4.19
C ILE A 331 -15.81 0.93 5.22
N PRO A 332 -15.77 2.09 5.87
CA PRO A 332 -14.77 2.34 6.90
C PRO A 332 -15.13 1.61 8.19
N PRO A 333 -14.13 1.25 9.01
CA PRO A 333 -14.43 0.55 10.27
C PRO A 333 -14.97 1.45 11.37
N ILE A 334 -15.14 2.75 11.13
CA ILE A 334 -15.73 3.67 12.09
C ILE A 334 -16.94 4.31 11.40
N SER A 335 -18.11 4.22 12.04
CA SER A 335 -19.35 4.78 11.54
C SER A 335 -19.62 4.46 10.06
N PRO A 336 -19.55 3.19 9.66
CA PRO A 336 -19.70 2.89 8.22
C PRO A 336 -21.03 3.31 7.64
N ALA A 337 -22.12 3.26 8.43
CA ALA A 337 -23.43 3.65 7.95
C ALA A 337 -23.59 5.15 7.76
N ALA A 338 -22.64 5.95 8.25
CA ALA A 338 -22.65 7.39 7.99
C ALA A 338 -22.01 7.76 6.65
N THR A 339 -21.64 6.77 5.84
CA THR A 339 -21.13 6.99 4.50
C THR A 339 -22.10 6.41 3.49
N HIS A 340 -22.11 7.00 2.29
CA HIS A 340 -22.98 6.51 1.23
C HIS A 340 -22.63 5.08 0.83
N ILE A 341 -21.36 4.71 0.98
CA ILE A 341 -20.89 3.38 0.57
C ILE A 341 -21.72 2.29 1.22
N PHE A 342 -22.03 2.46 2.51
CA PHE A 342 -22.77 1.45 3.26
C PHE A 342 -24.13 1.15 2.62
N HIS A 343 -24.74 2.16 1.97
CA HIS A 343 -26.13 2.07 1.54
C HIS A 343 -26.27 1.76 0.05
N ARG A 344 -25.22 1.24 -0.58
CA ARG A 344 -25.34 0.75 -1.95
C ARG A 344 -24.52 -0.50 -2.12
N SER A 345 -24.68 -1.14 -3.28
CA SER A 345 -23.98 -2.36 -3.65
C SER A 345 -22.88 -2.05 -4.64
N TYR A 346 -21.93 -3.00 -4.74
CA TYR A 346 -20.80 -2.90 -5.65
C TYR A 346 -20.49 -4.25 -6.25
N ASP A 347 -20.13 -4.25 -7.54
CA ASP A 347 -19.72 -5.46 -8.23
C ASP A 347 -18.26 -5.76 -7.93
N ASN A 348 -17.99 -6.90 -7.27
CA ASN A 348 -16.63 -7.27 -6.89
C ASN A 348 -15.88 -8.01 -8.00
N SER A 349 -16.20 -7.75 -9.26
CA SER A 349 -15.49 -8.41 -10.36
C SER A 349 -14.07 -7.89 -10.44
N ILE A 350 -13.15 -8.79 -10.77
CA ILE A 350 -11.73 -8.46 -10.91
C ILE A 350 -11.48 -8.03 -12.35
N VAL A 351 -11.01 -6.80 -12.54
CA VAL A 351 -10.63 -6.25 -13.84
C VAL A 351 -9.12 -6.02 -13.84
N LYS A 352 -8.48 -6.25 -14.99
CA LYS A 352 -7.05 -6.03 -15.17
C LYS A 352 -6.80 -4.83 -16.09
N PRO A 353 -5.69 -4.09 -15.89
CA PRO A 353 -4.61 -4.22 -14.89
C PRO A 353 -5.06 -4.12 -13.43
N ASN A 354 -4.28 -4.68 -12.52
CA ASN A 354 -4.66 -4.69 -11.11
C ASN A 354 -3.46 -5.11 -10.27
N TYR A 355 -3.62 -4.96 -8.96
CA TYR A 355 -2.64 -5.41 -7.98
C TYR A 355 -3.16 -6.65 -7.28
N PHE A 356 -2.27 -7.63 -7.07
CA PHE A 356 -2.66 -8.93 -6.54
C PHE A 356 -1.73 -9.34 -5.42
N TYR A 357 -2.26 -10.15 -4.50
CA TYR A 357 -1.43 -10.79 -3.49
C TYR A 357 -0.44 -11.75 -4.13
N GLN A 358 0.61 -12.07 -3.39
CA GLN A 358 1.54 -13.12 -3.78
C GLN A 358 2.13 -13.74 -2.52
N ASP A 359 2.65 -14.96 -2.67
CA ASP A 359 3.15 -15.72 -1.52
C ASP A 359 4.33 -15.01 -0.88
N LYS A 360 4.35 -15.00 0.45
CA LYS A 360 5.50 -14.50 1.17
C LYS A 360 6.67 -15.47 1.04
N PRO A 361 7.90 -14.97 0.89
CA PRO A 361 9.07 -15.85 0.93
C PRO A 361 9.49 -16.27 2.32
N TYR A 362 9.10 -15.52 3.36
CA TYR A 362 9.29 -15.88 4.76
C TYR A 362 7.96 -16.28 5.35
N GLU A 363 7.97 -17.31 6.20
CA GLU A 363 6.74 -17.72 6.89
C GLU A 363 7.06 -18.53 8.13
#